data_1MG5
#
_entry.id   1MG5
#
_cell.length_a   47.481
_cell.length_b   69.519
_cell.length_c   75.923
_cell.angle_alpha   90.00
_cell.angle_beta   89.13
_cell.angle_gamma   90.00
#
_symmetry.space_group_name_H-M   'P 1 21 1'
#
loop_
_entity.id
_entity.type
_entity.pdbx_description
1 polymer 'alcohol dehydrogenase'
2 non-polymer 'ACETATE ION'
3 non-polymer '1,4-DIHYDRONICOTINAMIDE ADENINE DINUCLEOTIDE'
4 water water
#
_entity_poly.entity_id   1
_entity_poly.type   'polypeptide(L)'
_entity_poly.pdbx_seq_one_letter_code
;SFTLTNKNVIFVAGLGGIGLDTSKELLKRDLKNLVILDRIENPAAIAELKAINPKVTVTFYPYDVTVPIAETTKLLKTIF
AQLKTVDVLINGAGILDDHQIERTIAVNYTGLVNTTTAILDFWDKRKGGPGGIICNIGSVTGFNAIYQVPVYSGTKAAVV
NFTSSLAKLAPITGVTAYTVNPGITRTTLVHKFNSWLDVEPQVAEKLLAHPTQPSLACAENFVKAIELNQNGAIWKLDLG
TLEAIQWTKHWDSGI
;
_entity_poly.pdbx_strand_id   A,B
#
# COMPACT_ATOMS: atom_id res chain seq x y z
N SER A 1 -6.05 -3.78 33.63
CA SER A 1 -6.87 -3.25 32.51
C SER A 1 -6.30 -1.92 32.02
N PHE A 2 -6.14 -1.81 30.70
CA PHE A 2 -5.59 -0.59 30.12
C PHE A 2 -6.42 0.64 30.45
N THR A 3 -5.75 1.74 30.78
CA THR A 3 -6.39 3.02 30.96
C THR A 3 -5.55 4.14 30.34
N LEU A 4 -6.23 5.20 29.91
CA LEU A 4 -5.56 6.39 29.39
C LEU A 4 -5.15 7.33 30.54
N THR A 5 -5.65 7.06 31.74
CA THR A 5 -5.29 7.89 32.87
C THR A 5 -3.79 7.91 33.06
N ASN A 6 -3.24 9.11 33.19
CA ASN A 6 -1.83 9.37 33.42
C ASN A 6 -0.92 8.89 32.31
N LYS A 7 -1.44 8.76 31.08
CA LYS A 7 -0.60 8.34 29.97
C LYS A 7 -0.10 9.52 29.14
N ASN A 8 0.96 9.25 28.39
CA ASN A 8 1.54 10.23 27.48
C ASN A 8 1.23 9.76 26.06
N VAL A 9 0.51 10.61 25.31
CA VAL A 9 0.11 10.22 23.95
C VAL A 9 0.66 11.21 22.93
N ILE A 10 1.27 10.66 21.87
CA ILE A 10 1.67 11.48 20.72
C ILE A 10 0.62 11.28 19.62
N PHE A 11 0.05 12.39 19.13
CA PHE A 11 -0.96 12.27 18.09
C PHE A 11 -0.53 13.01 16.84
N VAL A 12 -0.01 12.28 15.86
CA VAL A 12 0.29 12.84 14.55
C VAL A 12 -1.01 13.07 13.80
N ALA A 13 -1.21 14.30 13.37
CA ALA A 13 -2.39 14.78 12.66
C ALA A 13 -3.59 14.92 13.59
N GLY A 14 -3.32 15.51 14.76
CA GLY A 14 -4.30 15.72 15.79
C GLY A 14 -5.09 17.01 15.66
N LEU A 15 -4.97 17.78 14.59
CA LEU A 15 -5.75 18.99 14.43
C LEU A 15 -6.71 18.96 13.25
N GLY A 16 -6.68 17.90 12.42
CA GLY A 16 -7.61 17.84 11.29
C GLY A 16 -9.06 17.61 11.73
N GLY A 17 -9.94 17.29 10.78
CA GLY A 17 -11.36 17.09 11.07
C GLY A 17 -11.59 15.98 12.11
N ILE A 18 -11.11 14.77 11.80
CA ILE A 18 -11.24 13.71 12.79
C ILE A 18 -10.30 13.92 13.96
N GLY A 19 -9.10 14.40 13.64
CA GLY A 19 -8.04 14.58 14.61
C GLY A 19 -8.41 15.47 15.78
N LEU A 20 -8.83 16.69 15.46
CA LEU A 20 -9.21 17.64 16.53
C LEU A 20 -10.34 17.12 17.39
N ASP A 21 -11.37 16.52 16.78
CA ASP A 21 -12.44 15.96 17.62
C ASP A 21 -11.92 14.83 18.50
N THR A 22 -11.02 13.99 17.96
CA THR A 22 -10.46 12.89 18.74
C THR A 22 -9.59 13.44 19.88
N SER A 23 -8.88 14.55 19.62
CA SER A 23 -8.08 15.20 20.63
C SER A 23 -8.95 15.71 21.78
N LYS A 24 -10.09 16.29 21.40
CA LYS A 24 -11.04 16.78 22.41
C LYS A 24 -11.59 15.60 23.21
N GLU A 25 -11.89 14.49 22.52
CA GLU A 25 -12.45 13.33 23.19
C GLU A 25 -11.42 12.70 24.14
N LEU A 26 -10.17 12.65 23.71
CA LEU A 26 -9.11 12.11 24.56
C LEU A 26 -8.97 12.92 25.84
N LEU A 27 -9.16 14.24 25.73
CA LEU A 27 -9.02 15.12 26.89
C LEU A 27 -10.15 15.03 27.90
N LYS A 28 -11.16 14.20 27.64
CA LYS A 28 -12.18 13.90 28.64
C LYS A 28 -11.57 12.97 29.69
N ARG A 29 -10.51 12.29 29.32
CA ARG A 29 -9.76 11.42 30.21
C ARG A 29 -8.60 12.21 30.83
N ASP A 30 -8.14 11.73 31.98
CA ASP A 30 -7.05 12.42 32.66
C ASP A 30 -5.67 11.95 32.22
N LEU A 31 -5.35 12.21 30.94
CA LEU A 31 -4.03 11.93 30.41
C LEU A 31 -3.00 12.76 31.17
N LYS A 32 -1.74 12.32 31.09
CA LYS A 32 -0.66 13.08 31.67
C LYS A 32 -0.26 14.16 30.65
N ASN A 33 -0.03 13.68 29.43
CA ASN A 33 0.32 14.54 28.32
C ASN A 33 -0.32 14.13 27.00
N LEU A 34 -0.71 15.16 26.25
CA LEU A 34 -1.16 14.94 24.88
C LEU A 34 -0.26 15.83 24.02
N VAL A 35 0.55 15.23 23.17
CA VAL A 35 1.50 15.93 22.32
C VAL A 35 0.98 15.83 20.89
N ILE A 36 0.60 17.00 20.35
CA ILE A 36 0.02 17.05 19.00
C ILE A 36 1.06 17.46 17.98
N LEU A 37 1.25 16.60 16.97
CA LEU A 37 2.20 16.88 15.90
C LEU A 37 1.38 17.10 14.62
N ASP A 38 1.52 18.23 13.95
CA ASP A 38 0.71 18.41 12.74
C ASP A 38 1.32 19.50 11.88
N ARG A 39 0.96 19.53 10.60
CA ARG A 39 1.49 20.56 9.70
C ARG A 39 0.53 21.75 9.68
N ILE A 40 -0.65 21.53 10.21
CA ILE A 40 -1.62 22.61 10.41
C ILE A 40 -1.08 23.42 11.59
N GLU A 41 -1.15 24.72 11.52
CA GLU A 41 -0.74 25.57 12.66
C GLU A 41 -2.04 26.28 13.04
N ASN A 42 -2.60 25.89 14.18
CA ASN A 42 -3.86 26.53 14.60
C ASN A 42 -3.78 26.79 16.09
N PRO A 43 -3.19 27.93 16.46
CA PRO A 43 -3.01 28.29 17.85
C PRO A 43 -4.32 28.37 18.62
N ALA A 44 -5.40 28.82 17.97
CA ALA A 44 -6.68 28.86 18.70
C ALA A 44 -7.10 27.45 19.13
N ALA A 45 -6.91 26.45 18.25
CA ALA A 45 -7.24 25.08 18.60
C ALA A 45 -6.36 24.59 19.73
N ILE A 46 -5.07 24.93 19.71
CA ILE A 46 -4.21 24.49 20.81
C ILE A 46 -4.68 25.12 22.10
N ALA A 47 -5.03 26.41 22.13
CA ALA A 47 -5.51 27.04 23.35
C ALA A 47 -6.80 26.38 23.83
N GLU A 48 -7.72 26.08 22.93
CA GLU A 48 -8.95 25.39 23.23
C GLU A 48 -8.67 24.02 23.87
N LEU A 49 -7.71 23.27 23.28
CA LEU A 49 -7.40 21.97 23.87
C LEU A 49 -6.82 22.09 25.26
N LYS A 50 -5.94 23.06 25.50
CA LYS A 50 -5.35 23.24 26.82
C LYS A 50 -6.39 23.54 27.89
N ALA A 51 -7.47 24.20 27.49
CA ALA A 51 -8.52 24.60 28.41
C ALA A 51 -9.52 23.51 28.73
N ILE A 52 -9.60 22.41 27.96
CA ILE A 52 -10.57 21.37 28.26
C ILE A 52 -10.34 20.68 29.60
N ASN A 53 -9.12 20.25 29.86
CA ASN A 53 -8.82 19.49 31.07
C ASN A 53 -7.54 20.02 31.69
N PRO A 54 -7.69 20.65 32.86
CA PRO A 54 -6.56 21.26 33.53
C PRO A 54 -5.56 20.25 34.03
N LYS A 55 -5.90 18.97 34.18
CA LYS A 55 -4.94 17.99 34.64
C LYS A 55 -3.99 17.59 33.51
N VAL A 56 -4.37 17.85 32.25
CA VAL A 56 -3.51 17.40 31.15
C VAL A 56 -2.60 18.48 30.60
N THR A 57 -1.36 18.13 30.27
CA THR A 57 -0.45 19.07 29.62
C THR A 57 -0.52 18.83 28.10
N VAL A 58 -0.84 19.88 27.36
CA VAL A 58 -0.95 19.76 25.90
C VAL A 58 0.20 20.52 25.25
N THR A 59 0.99 19.82 24.44
CA THR A 59 2.11 20.44 23.74
C THR A 59 1.92 20.28 22.24
N PHE A 60 2.21 21.31 21.46
CA PHE A 60 2.13 21.23 20.02
C PHE A 60 3.53 21.33 19.41
N TYR A 61 3.74 20.48 18.39
CA TYR A 61 4.93 20.54 17.58
C TYR A 61 4.55 20.52 16.10
N PRO A 62 4.94 21.52 15.32
CA PRO A 62 4.77 21.47 13.88
C PRO A 62 5.52 20.26 13.33
N TYR A 63 4.90 19.50 12.43
CA TYR A 63 5.54 18.29 11.93
C TYR A 63 4.91 17.91 10.59
N ASP A 64 5.79 17.60 9.64
CA ASP A 64 5.34 17.13 8.32
C ASP A 64 5.82 15.68 8.22
N VAL A 65 4.94 14.70 8.13
CA VAL A 65 5.32 13.30 8.12
C VAL A 65 6.11 12.88 6.89
N THR A 66 6.26 13.69 5.86
CA THR A 66 7.01 13.30 4.65
C THR A 66 8.50 13.56 4.76
N VAL A 67 8.98 14.08 5.89
CA VAL A 67 10.42 14.26 6.05
C VAL A 67 11.12 12.91 6.21
N PRO A 68 12.42 12.86 5.92
CA PRO A 68 13.20 11.64 6.09
C PRO A 68 13.17 11.16 7.53
N ILE A 69 13.35 9.85 7.71
CA ILE A 69 13.26 9.28 9.06
C ILE A 69 14.22 9.93 10.04
N ALA A 70 15.44 10.31 9.65
CA ALA A 70 16.34 10.94 10.62
C ALA A 70 15.74 12.22 11.21
N GLU A 71 14.93 12.95 10.43
CA GLU A 71 14.30 14.15 10.97
C GLU A 71 13.28 13.79 12.04
N THR A 72 12.44 12.78 11.76
CA THR A 72 11.48 12.32 12.76
C THR A 72 12.21 11.86 14.03
N THR A 73 13.36 11.21 13.89
CA THR A 73 14.16 10.77 15.02
C THR A 73 14.60 11.98 15.84
N LYS A 74 15.02 13.06 15.18
CA LYS A 74 15.37 14.27 15.94
C LYS A 74 14.20 14.81 16.74
N LEU A 75 13.00 14.80 16.14
CA LEU A 75 11.84 15.33 16.86
C LEU A 75 11.51 14.42 18.03
N LEU A 76 11.49 13.10 17.78
CA LEU A 76 11.17 12.18 18.87
C LEU A 76 12.18 12.29 20.01
N LYS A 77 13.47 12.44 19.69
CA LYS A 77 14.48 12.62 20.74
C LYS A 77 14.11 13.78 21.65
N THR A 78 13.62 14.86 21.03
CA THR A 78 13.21 16.02 21.80
C THR A 78 12.00 15.74 22.68
N ILE A 79 11.00 15.07 22.14
CA ILE A 79 9.80 14.75 22.93
C ILE A 79 10.16 13.82 24.08
N PHE A 80 11.02 12.82 23.80
CA PHE A 80 11.42 11.94 24.91
C PHE A 80 12.28 12.69 25.91
N ALA A 81 13.05 13.72 25.51
CA ALA A 81 13.81 14.49 26.50
C ALA A 81 12.83 15.34 27.33
N GLN A 82 11.72 15.75 26.73
CA GLN A 82 10.72 16.57 27.39
C GLN A 82 9.92 15.79 28.44
N LEU A 83 9.49 14.59 28.00
CA LEU A 83 8.60 13.78 28.82
C LEU A 83 9.09 12.49 29.37
N LYS A 84 10.26 12.01 28.95
CA LYS A 84 10.91 10.78 29.34
C LYS A 84 10.25 9.53 28.78
N THR A 85 8.94 9.43 28.79
CA THR A 85 8.19 8.29 28.32
C THR A 85 7.06 8.68 27.39
N VAL A 86 6.70 7.79 26.49
CA VAL A 86 5.56 7.92 25.60
C VAL A 86 4.83 6.58 25.63
N ASP A 87 3.52 6.58 25.87
CA ASP A 87 2.80 5.31 25.99
C ASP A 87 2.06 4.90 24.74
N VAL A 88 1.50 5.89 24.01
CA VAL A 88 0.72 5.60 22.82
C VAL A 88 1.11 6.55 21.68
N LEU A 89 1.23 6.05 20.49
CA LEU A 89 1.49 6.82 19.29
C LEU A 89 0.29 6.66 18.33
N ILE A 90 -0.29 7.79 17.89
CA ILE A 90 -1.42 7.70 16.96
C ILE A 90 -0.90 8.29 15.65
N ASN A 91 -0.85 7.49 14.61
CA ASN A 91 -0.42 7.97 13.28
C ASN A 91 -1.65 8.30 12.46
N GLY A 92 -2.04 9.58 12.37
CA GLY A 92 -3.31 9.84 11.67
C GLY A 92 -3.18 10.67 10.41
N ALA A 93 -1.99 10.94 9.88
CA ALA A 93 -1.95 11.83 8.71
C ALA A 93 -2.53 11.21 7.45
N GLY A 94 -3.19 12.03 6.65
CA GLY A 94 -3.72 11.56 5.38
C GLY A 94 -4.11 12.70 4.45
N ILE A 95 -3.87 12.49 3.17
CA ILE A 95 -4.41 13.38 2.14
C ILE A 95 -5.26 12.55 1.19
N LEU A 96 -6.24 13.17 0.54
CA LEU A 96 -7.13 12.54 -0.42
C LEU A 96 -7.05 13.42 -1.67
N ASP A 97 -6.21 12.99 -2.61
CA ASP A 97 -6.03 13.76 -3.83
C ASP A 97 -5.29 12.87 -4.84
N ASP A 98 -6.03 12.18 -5.70
CA ASP A 98 -5.40 11.26 -6.63
C ASP A 98 -4.73 11.98 -7.81
N HIS A 99 -4.62 13.30 -7.78
CA HIS A 99 -3.80 14.03 -8.73
C HIS A 99 -2.37 14.15 -8.14
N GLN A 100 -2.21 13.84 -6.85
CA GLN A 100 -0.90 13.92 -6.20
C GLN A 100 -0.46 12.51 -5.85
N ILE A 101 0.02 11.76 -6.85
CA ILE A 101 0.37 10.36 -6.63
C ILE A 101 1.50 10.20 -5.62
N GLU A 102 2.65 10.85 -5.89
CA GLU A 102 3.78 10.71 -4.99
C GLU A 102 3.45 11.18 -3.57
N ARG A 103 2.79 12.33 -3.45
CA ARG A 103 2.49 12.85 -2.12
C ARG A 103 1.48 11.97 -1.37
N THR A 104 0.46 11.46 -2.04
CA THR A 104 -0.50 10.56 -1.42
C THR A 104 0.20 9.38 -0.79
N ILE A 105 1.15 8.78 -1.53
CA ILE A 105 1.89 7.64 -0.99
C ILE A 105 2.84 8.05 0.12
N ALA A 106 3.50 9.19 -0.05
CA ALA A 106 4.47 9.64 0.95
C ALA A 106 3.81 9.98 2.29
N VAL A 107 2.61 10.59 2.23
CA VAL A 107 1.90 10.92 3.46
C VAL A 107 1.20 9.70 4.06
N ASN A 108 0.41 9.01 3.26
CA ASN A 108 -0.47 7.97 3.78
C ASN A 108 0.17 6.65 4.17
N TYR A 109 1.24 6.29 3.45
CA TYR A 109 1.91 5.05 3.80
C TYR A 109 3.33 5.29 4.26
N THR A 110 4.21 5.81 3.41
CA THR A 110 5.61 5.99 3.83
C THR A 110 5.80 6.73 5.14
N GLY A 111 5.11 7.86 5.27
CA GLY A 111 5.25 8.66 6.49
C GLY A 111 4.82 7.87 7.72
N LEU A 112 3.69 7.16 7.62
CA LEU A 112 3.21 6.35 8.73
C LEU A 112 4.22 5.29 9.14
N VAL A 113 4.76 4.60 8.16
CA VAL A 113 5.77 3.56 8.38
C VAL A 113 7.01 4.16 9.02
N ASN A 114 7.46 5.31 8.53
CA ASN A 114 8.65 5.96 9.07
C ASN A 114 8.48 6.43 10.51
N THR A 115 7.32 7.04 10.85
CA THR A 115 7.13 7.47 12.24
C THR A 115 7.12 6.23 13.13
N THR A 116 6.44 5.17 12.67
CA THR A 116 6.44 3.92 13.45
C THR A 116 7.83 3.37 13.64
N THR A 117 8.61 3.31 12.57
CA THR A 117 9.97 2.78 12.61
C THR A 117 10.84 3.65 13.52
N ALA A 118 10.67 4.96 13.43
CA ALA A 118 11.49 5.83 14.29
C ALA A 118 11.17 5.61 15.75
N ILE A 119 9.87 5.52 16.11
CA ILE A 119 9.59 5.36 17.55
C ILE A 119 10.01 4.00 18.07
N LEU A 120 10.15 2.99 17.20
CA LEU A 120 10.61 1.68 17.66
C LEU A 120 12.03 1.74 18.18
N ASP A 121 12.83 2.70 17.72
CA ASP A 121 14.18 2.82 18.27
C ASP A 121 14.17 3.15 19.76
N PHE A 122 13.15 3.86 20.23
CA PHE A 122 12.96 4.20 21.62
C PHE A 122 12.17 3.13 22.35
N TRP A 123 11.23 2.44 21.69
CA TRP A 123 10.39 1.49 22.40
C TRP A 123 10.75 0.01 22.29
N ASP A 124 11.37 -0.39 21.19
CA ASP A 124 11.60 -1.83 20.98
C ASP A 124 12.25 -2.47 22.19
N LYS A 125 11.73 -3.57 22.70
CA LYS A 125 12.36 -4.19 23.87
C LYS A 125 13.73 -4.75 23.52
N ARG A 126 14.04 -5.01 22.26
CA ARG A 126 15.34 -5.52 21.86
C ARG A 126 16.37 -4.40 21.89
N LYS A 127 15.94 -3.15 22.00
CA LYS A 127 16.82 -2.01 22.14
C LYS A 127 16.86 -1.57 23.62
N GLY A 128 16.28 -2.37 24.49
CA GLY A 128 16.23 -2.01 25.91
C GLY A 128 15.09 -1.07 26.23
N GLY A 129 14.13 -0.86 25.32
CA GLY A 129 13.00 0.05 25.59
C GLY A 129 11.83 -0.63 26.25
N PRO A 130 10.80 0.14 26.62
CA PRO A 130 9.66 -0.32 27.38
C PRO A 130 8.46 -0.87 26.63
N GLY A 131 8.55 -0.92 25.31
CA GLY A 131 7.40 -1.35 24.49
C GLY A 131 6.47 -0.12 24.38
N GLY A 132 5.31 -0.30 23.76
CA GLY A 132 4.35 0.78 23.59
C GLY A 132 3.19 0.33 22.73
N ILE A 133 2.32 1.25 22.34
CA ILE A 133 1.09 0.97 21.60
C ILE A 133 1.03 1.90 20.39
N ILE A 134 0.70 1.37 19.23
CA ILE A 134 0.56 2.23 18.04
C ILE A 134 -0.87 2.12 17.52
N CYS A 135 -1.57 3.25 17.42
CA CYS A 135 -2.89 3.27 16.81
C CYS A 135 -2.78 3.93 15.44
N ASN A 136 -2.98 3.23 14.33
CA ASN A 136 -2.89 3.81 13.01
C ASN A 136 -4.26 4.08 12.41
N ILE A 137 -4.38 5.29 11.82
CA ILE A 137 -5.68 5.58 11.17
C ILE A 137 -5.60 5.02 9.74
N GLY A 138 -6.41 3.99 9.53
CA GLY A 138 -6.52 3.41 8.19
C GLY A 138 -7.70 4.09 7.46
N SER A 139 -8.64 3.25 7.05
CA SER A 139 -9.82 3.65 6.31
C SER A 139 -10.56 2.39 5.88
N VAL A 140 -11.88 2.45 5.71
CA VAL A 140 -12.60 1.33 5.13
C VAL A 140 -12.13 1.06 3.70
N THR A 141 -11.54 2.06 3.03
CA THR A 141 -11.04 1.87 1.68
C THR A 141 -9.87 0.90 1.62
N GLY A 142 -9.24 0.57 2.74
CA GLY A 142 -8.21 -0.44 2.83
C GLY A 142 -8.79 -1.86 2.82
N PHE A 143 -10.08 -1.98 3.08
CA PHE A 143 -10.79 -3.25 3.01
C PHE A 143 -11.30 -3.38 1.58
N ASN A 144 -12.03 -2.35 1.11
CA ASN A 144 -12.63 -2.30 -0.22
C ASN A 144 -12.56 -0.86 -0.75
N ALA A 145 -11.82 -0.65 -1.82
CA ALA A 145 -11.59 0.70 -2.31
C ALA A 145 -12.80 1.55 -2.70
N ILE A 146 -12.53 2.87 -2.65
CA ILE A 146 -13.34 3.82 -3.41
C ILE A 146 -12.53 3.75 -4.72
N TYR A 147 -13.01 3.01 -5.73
CA TYR A 147 -12.21 2.76 -6.93
C TYR A 147 -11.91 4.01 -7.75
N GLN A 148 -12.65 5.11 -7.53
CA GLN A 148 -12.40 6.37 -8.22
C GLN A 148 -11.21 7.12 -7.64
N VAL A 149 -10.70 6.72 -6.48
CA VAL A 149 -9.45 7.21 -5.92
C VAL A 149 -8.63 5.96 -5.62
N PRO A 150 -8.13 5.33 -6.69
CA PRO A 150 -7.42 4.07 -6.53
C PRO A 150 -6.08 4.22 -5.86
N VAL A 151 -5.40 5.34 -6.04
CA VAL A 151 -4.07 5.49 -5.42
C VAL A 151 -4.24 5.61 -3.91
N TYR A 152 -5.12 6.52 -3.47
CA TYR A 152 -5.45 6.63 -2.06
C TYR A 152 -5.90 5.34 -1.43
N SER A 153 -6.85 4.63 -2.09
CA SER A 153 -7.36 3.38 -1.49
C SER A 153 -6.26 2.36 -1.32
N GLY A 154 -5.35 2.26 -2.28
CA GLY A 154 -4.21 1.34 -2.16
C GLY A 154 -3.33 1.71 -0.98
N THR A 155 -3.10 3.02 -0.75
CA THR A 155 -2.30 3.43 0.39
C THR A 155 -2.93 2.94 1.69
N LYS A 156 -4.27 3.01 1.78
CA LYS A 156 -4.96 2.56 3.00
C LYS A 156 -4.95 1.06 3.14
N ALA A 157 -4.93 0.30 2.05
CA ALA A 157 -4.81 -1.15 2.08
C ALA A 157 -3.46 -1.51 2.71
N ALA A 158 -2.44 -0.72 2.35
CA ALA A 158 -1.09 -0.90 2.85
C ALA A 158 -1.07 -0.66 4.34
N VAL A 159 -1.70 0.42 4.82
CA VAL A 159 -1.75 0.70 6.26
C VAL A 159 -2.42 -0.42 7.03
N VAL A 160 -3.53 -0.96 6.53
CA VAL A 160 -4.19 -2.05 7.27
C VAL A 160 -3.31 -3.28 7.35
N ASN A 161 -2.68 -3.61 6.24
CA ASN A 161 -1.83 -4.82 6.16
C ASN A 161 -0.58 -4.63 7.01
N PHE A 162 0.08 -3.47 6.86
CA PHE A 162 1.24 -3.14 7.71
C PHE A 162 0.93 -3.19 9.21
N THR A 163 -0.23 -2.62 9.62
CA THR A 163 -0.56 -2.59 11.04
C THR A 163 -0.83 -3.97 11.59
N SER A 164 -1.51 -4.80 10.79
CA SER A 164 -1.74 -6.18 11.21
C SER A 164 -0.40 -6.87 11.50
N SER A 165 0.57 -6.62 10.62
CA SER A 165 1.92 -7.21 10.79
C SER A 165 2.59 -6.67 12.03
N LEU A 166 2.51 -5.37 12.32
CA LEU A 166 3.07 -4.86 13.58
C LEU A 166 2.50 -5.64 14.77
N ALA A 167 1.17 -5.84 14.79
CA ALA A 167 0.55 -6.60 15.85
C ALA A 167 1.12 -8.02 15.96
N LYS A 168 1.38 -8.70 14.86
CA LYS A 168 1.98 -10.05 14.93
C LYS A 168 3.42 -10.00 15.42
N LEU A 169 4.10 -8.86 15.32
CA LEU A 169 5.47 -8.67 15.79
C LEU A 169 5.56 -8.20 17.23
N ALA A 170 4.44 -7.94 17.90
CA ALA A 170 4.45 -7.51 19.31
C ALA A 170 5.24 -8.38 20.25
N PRO A 171 5.19 -9.71 20.12
CA PRO A 171 5.96 -10.60 20.99
C PRO A 171 7.45 -10.37 20.87
N ILE A 172 7.91 -9.94 19.68
CA ILE A 172 9.32 -9.66 19.45
C ILE A 172 9.73 -8.25 19.84
N THR A 173 8.90 -7.26 19.47
CA THR A 173 9.27 -5.87 19.75
C THR A 173 8.75 -5.30 21.05
N GLY A 174 7.66 -5.85 21.60
CA GLY A 174 6.98 -5.26 22.75
C GLY A 174 6.03 -4.13 22.35
N VAL A 175 5.85 -3.85 21.07
CA VAL A 175 4.96 -2.80 20.60
C VAL A 175 3.71 -3.40 19.97
N THR A 176 2.58 -3.12 20.59
CA THR A 176 1.30 -3.64 20.09
C THR A 176 0.74 -2.60 19.11
N ALA A 177 -0.26 -3.01 18.33
CA ALA A 177 -0.79 -2.09 17.31
C ALA A 177 -2.17 -2.52 16.83
N TYR A 178 -2.91 -1.54 16.33
CA TYR A 178 -4.25 -1.80 15.77
C TYR A 178 -4.59 -0.63 14.83
N THR A 179 -5.53 -0.86 13.92
CA THR A 179 -5.99 0.26 13.08
C THR A 179 -7.40 0.68 13.52
N VAL A 180 -7.64 1.97 13.30
CA VAL A 180 -8.99 2.50 13.42
C VAL A 180 -9.31 2.91 11.97
N ASN A 181 -10.37 2.31 11.42
CA ASN A 181 -10.65 2.59 9.99
C ASN A 181 -12.02 3.23 9.84
N PRO A 182 -12.07 4.55 9.76
CA PRO A 182 -13.36 5.21 9.61
C PRO A 182 -14.00 4.91 8.25
N GLY A 183 -15.35 4.93 8.26
CA GLY A 183 -16.17 4.96 7.05
C GLY A 183 -16.20 6.46 6.69
N ILE A 184 -17.05 6.83 5.73
CA ILE A 184 -17.04 8.23 5.29
C ILE A 184 -17.48 9.15 6.42
N THR A 185 -16.61 10.11 6.69
CA THR A 185 -16.79 11.03 7.84
C THR A 185 -16.80 12.46 7.35
N ARG A 186 -17.68 13.27 7.95
CA ARG A 186 -17.90 14.63 7.48
C ARG A 186 -16.84 15.62 7.91
N THR A 187 -15.83 15.72 7.06
CA THR A 187 -14.70 16.62 7.28
C THR A 187 -14.45 17.29 5.93
N THR A 188 -13.47 18.20 5.91
CA THR A 188 -13.17 18.87 4.64
C THR A 188 -12.46 17.91 3.68
N LEU A 189 -11.95 16.77 4.13
CA LEU A 189 -11.30 15.81 3.26
C LEU A 189 -12.18 15.37 2.11
N VAL A 190 -13.49 15.20 2.38
CA VAL A 190 -14.38 14.65 1.36
C VAL A 190 -15.34 15.65 0.72
N HIS A 191 -15.30 16.93 1.07
CA HIS A 191 -16.21 17.88 0.44
C HIS A 191 -15.91 18.13 -1.03
N LYS A 192 -14.65 18.06 -1.43
CA LYS A 192 -14.20 18.29 -2.79
C LYS A 192 -12.82 17.62 -2.91
N PHE A 193 -12.68 16.73 -3.88
CA PHE A 193 -11.39 16.07 -4.02
C PHE A 193 -11.23 15.49 -5.43
N ASN A 194 -10.00 15.22 -5.80
CA ASN A 194 -9.68 14.76 -7.14
C ASN A 194 -9.58 13.26 -7.32
N SER A 195 -10.24 12.77 -8.38
CA SER A 195 -10.18 11.36 -8.74
C SER A 195 -8.99 11.16 -9.68
N TRP A 196 -8.51 9.93 -9.72
CA TRP A 196 -7.33 9.60 -10.52
C TRP A 196 -7.67 9.81 -12.00
N LEU A 197 -6.85 10.61 -12.67
CA LEU A 197 -7.06 10.92 -14.09
C LEU A 197 -8.47 11.42 -14.37
N ASP A 198 -9.05 12.12 -13.39
CA ASP A 198 -10.43 12.61 -13.48
C ASP A 198 -11.39 11.56 -14.02
N VAL A 199 -11.30 10.29 -13.57
CA VAL A 199 -12.23 9.26 -14.00
C VAL A 199 -13.65 9.62 -13.51
N GLU A 200 -13.74 10.31 -12.39
CA GLU A 200 -15.05 10.70 -11.85
C GLU A 200 -14.96 12.09 -11.27
N PRO A 201 -15.18 13.14 -12.09
CA PRO A 201 -15.03 14.51 -11.67
C PRO A 201 -16.01 14.93 -10.57
N GLN A 202 -17.14 14.24 -10.46
CA GLN A 202 -18.12 14.50 -9.41
C GLN A 202 -18.05 13.45 -8.30
N VAL A 203 -16.84 12.92 -8.06
CA VAL A 203 -16.69 11.90 -7.01
C VAL A 203 -17.13 12.39 -5.66
N ALA A 204 -16.87 13.63 -5.26
CA ALA A 204 -17.30 14.08 -3.93
C ALA A 204 -18.81 14.15 -3.84
N GLU A 205 -19.40 14.72 -4.89
CA GLU A 205 -20.87 14.84 -4.90
C GLU A 205 -21.56 13.50 -4.87
N LYS A 206 -21.05 12.53 -5.65
CA LYS A 206 -21.63 11.21 -5.66
C LYS A 206 -21.45 10.51 -4.33
N LEU A 207 -20.25 10.61 -3.74
CA LEU A 207 -19.97 9.94 -2.47
C LEU A 207 -20.84 10.51 -1.35
N LEU A 208 -21.02 11.83 -1.34
CA LEU A 208 -21.77 12.50 -0.28
C LEU A 208 -23.27 12.27 -0.36
N ALA A 209 -23.75 11.71 -1.47
CA ALA A 209 -25.15 11.31 -1.56
C ALA A 209 -25.40 10.07 -0.69
N HIS A 210 -24.33 9.32 -0.37
CA HIS A 210 -24.46 8.11 0.44
C HIS A 210 -24.12 8.43 1.89
N PRO A 211 -24.46 7.51 2.78
CA PRO A 211 -24.36 7.80 4.20
C PRO A 211 -22.99 8.21 4.69
N THR A 212 -23.00 9.17 5.60
CA THR A 212 -21.78 9.66 6.25
C THR A 212 -22.04 9.74 7.76
N GLN A 213 -20.99 9.88 8.56
CA GLN A 213 -21.12 10.09 10.00
C GLN A 213 -20.40 11.37 10.39
N PRO A 214 -20.76 11.98 11.51
CA PRO A 214 -20.07 13.17 11.97
C PRO A 214 -18.68 12.78 12.43
N SER A 215 -17.75 13.74 12.38
CA SER A 215 -16.41 13.47 12.93
C SER A 215 -16.46 13.32 14.45
N LEU A 216 -17.43 13.94 15.13
CA LEU A 216 -17.48 13.76 16.59
C LEU A 216 -17.80 12.32 16.97
N ALA A 217 -18.72 11.68 16.25
CA ALA A 217 -19.08 10.27 16.51
C ALA A 217 -17.90 9.36 16.20
N CYS A 218 -17.16 9.67 15.13
CA CYS A 218 -15.95 8.91 14.80
C CYS A 218 -14.95 9.01 15.93
N ALA A 219 -14.78 10.23 16.45
CA ALA A 219 -13.83 10.47 17.53
C ALA A 219 -14.19 9.73 18.81
N GLU A 220 -15.51 9.67 19.08
CA GLU A 220 -15.95 8.96 20.29
C GLU A 220 -15.56 7.50 20.18
N ASN A 221 -15.83 6.91 19.01
CA ASN A 221 -15.51 5.50 18.80
C ASN A 221 -14.01 5.25 18.68
N PHE A 222 -13.25 6.24 18.24
CA PHE A 222 -11.78 6.13 18.14
C PHE A 222 -11.19 5.99 19.54
N VAL A 223 -11.64 6.86 20.46
CA VAL A 223 -11.15 6.76 21.84
C VAL A 223 -11.66 5.48 22.48
N LYS A 224 -12.89 5.03 22.21
CA LYS A 224 -13.37 3.76 22.78
C LYS A 224 -12.46 2.63 22.33
N ALA A 225 -12.08 2.63 21.03
CA ALA A 225 -11.18 1.59 20.52
C ALA A 225 -9.82 1.65 21.20
N ILE A 226 -9.27 2.84 21.41
CA ILE A 226 -7.98 2.95 22.11
C ILE A 226 -8.14 2.34 23.50
N GLU A 227 -9.20 2.67 24.23
CA GLU A 227 -9.39 2.13 25.58
C GLU A 227 -9.58 0.63 25.59
N LEU A 228 -10.15 0.03 24.54
CA LEU A 228 -10.24 -1.42 24.46
C LEU A 228 -8.85 -2.05 24.31
N ASN A 229 -7.92 -1.31 23.69
CA ASN A 229 -6.51 -1.74 23.60
C ASN A 229 -6.32 -3.19 23.21
N GLN A 230 -6.86 -3.54 22.03
CA GLN A 230 -6.78 -4.91 21.53
C GLN A 230 -5.74 -5.04 20.44
N ASN A 231 -4.62 -5.69 20.79
CA ASN A 231 -3.57 -5.87 19.82
C ASN A 231 -4.08 -6.61 18.59
N GLY A 232 -3.87 -6.07 17.39
CA GLY A 232 -4.28 -6.77 16.18
C GLY A 232 -5.72 -6.48 15.77
N ALA A 233 -6.44 -5.67 16.52
CA ALA A 233 -7.80 -5.36 16.10
C ALA A 233 -7.74 -4.57 14.79
N ILE A 234 -8.78 -4.78 14.00
CA ILE A 234 -9.00 -4.03 12.75
C ILE A 234 -10.37 -3.36 12.96
N TRP A 235 -10.36 -2.16 13.51
CA TRP A 235 -11.59 -1.47 13.88
C TRP A 235 -12.22 -0.72 12.70
N LYS A 236 -13.54 -0.86 12.60
CA LYS A 236 -14.31 -0.15 11.57
C LYS A 236 -15.16 0.87 12.32
N LEU A 237 -14.95 2.15 12.04
CA LEU A 237 -15.66 3.25 12.69
C LEU A 237 -16.58 3.84 11.62
N ASP A 238 -17.78 3.27 11.49
CA ASP A 238 -18.65 3.68 10.39
C ASP A 238 -20.07 3.89 10.81
N LEU A 239 -20.74 4.91 10.28
CA LEU A 239 -22.13 5.18 10.59
C LEU A 239 -22.37 5.33 12.09
N GLY A 240 -21.41 5.92 12.82
CA GLY A 240 -21.57 6.22 14.22
C GLY A 240 -21.30 5.07 15.15
N THR A 241 -20.80 3.93 14.66
CA THR A 241 -20.53 2.84 15.60
C THR A 241 -19.09 2.35 15.49
N LEU A 242 -18.74 1.47 16.43
CA LEU A 242 -17.45 0.79 16.43
C LEU A 242 -17.69 -0.71 16.28
N GLU A 243 -17.08 -1.32 15.29
CA GLU A 243 -17.15 -2.75 15.07
C GLU A 243 -15.75 -3.27 14.71
N ALA A 244 -15.43 -4.47 15.15
CA ALA A 244 -14.22 -5.13 14.69
C ALA A 244 -14.52 -5.81 13.35
N ILE A 245 -13.46 -5.94 12.56
CA ILE A 245 -13.50 -6.63 11.28
C ILE A 245 -12.74 -7.93 11.45
N GLN A 246 -13.23 -9.02 10.86
CA GLN A 246 -12.44 -10.27 10.90
C GLN A 246 -11.81 -10.38 9.51
N TRP A 247 -10.49 -10.33 9.42
CA TRP A 247 -9.81 -10.40 8.13
C TRP A 247 -9.76 -11.82 7.60
N THR A 248 -10.11 -12.00 6.33
CA THR A 248 -10.11 -13.34 5.76
C THR A 248 -8.70 -13.89 5.59
N LYS A 249 -8.59 -15.17 5.97
CA LYS A 249 -7.29 -15.85 5.83
C LYS A 249 -7.24 -16.53 4.48
N HIS A 250 -6.76 -15.84 3.43
CA HIS A 250 -6.67 -16.37 2.09
C HIS A 250 -5.40 -17.19 1.90
N TRP A 251 -4.37 -16.84 2.66
CA TRP A 251 -3.06 -17.49 2.53
C TRP A 251 -2.30 -17.42 3.86
N ASP A 252 -1.38 -18.37 4.05
CA ASP A 252 -0.59 -18.32 5.28
C ASP A 252 0.82 -18.76 4.94
N SER A 253 1.81 -17.96 5.34
CA SER A 253 3.20 -18.30 5.08
C SER A 253 3.69 -19.55 5.82
N GLY A 254 3.05 -19.86 6.93
CA GLY A 254 3.50 -21.01 7.73
C GLY A 254 4.46 -20.60 8.83
N ILE A 255 4.91 -19.35 8.81
CA ILE A 255 5.83 -18.80 9.80
C ILE A 255 5.23 -17.60 10.54
N SER B 1 -12.51 -14.31 -28.84
CA SER B 1 -11.68 -14.86 -27.72
C SER B 1 -10.31 -14.18 -27.72
N PHE B 2 -9.77 -13.96 -26.52
CA PHE B 2 -8.46 -13.31 -26.44
C PHE B 2 -7.36 -14.29 -26.81
N THR B 3 -6.36 -13.82 -27.53
CA THR B 3 -5.18 -14.61 -27.83
C THR B 3 -3.96 -13.68 -27.78
N LEU B 4 -2.81 -14.28 -27.47
CA LEU B 4 -1.56 -13.52 -27.49
C LEU B 4 -0.97 -13.43 -28.90
N THR B 5 -1.58 -14.16 -29.84
CA THR B 5 -1.10 -14.15 -31.22
C THR B 5 -1.13 -12.77 -31.82
N ASN B 6 0.04 -12.33 -32.30
CA ASN B 6 0.33 -11.05 -32.89
C ASN B 6 0.14 -9.86 -31.95
N LYS B 7 0.27 -10.10 -30.64
CA LYS B 7 0.11 -9.00 -29.69
C LYS B 7 1.44 -8.33 -29.38
N ASN B 8 1.36 -7.08 -28.95
CA ASN B 8 2.54 -6.31 -28.56
C ASN B 8 2.49 -6.21 -27.03
N VAL B 9 3.50 -6.77 -26.37
CA VAL B 9 3.51 -6.78 -24.91
C VAL B 9 4.71 -6.01 -24.40
N ILE B 10 4.51 -5.19 -23.37
CA ILE B 10 5.61 -4.53 -22.67
C ILE B 10 5.70 -5.28 -21.32
N PHE B 11 6.87 -5.76 -20.95
CA PHE B 11 7.02 -6.49 -19.69
C PHE B 11 8.05 -5.78 -18.84
N VAL B 12 7.57 -5.00 -17.86
CA VAL B 12 8.46 -4.35 -16.91
C VAL B 12 8.92 -5.41 -15.90
N ALA B 13 10.23 -5.55 -15.79
CA ALA B 13 10.87 -6.53 -14.92
C ALA B 13 10.75 -7.94 -15.48
N GLY B 14 11.00 -8.02 -16.79
CA GLY B 14 10.95 -9.26 -17.54
C GLY B 14 12.22 -10.10 -17.45
N LEU B 15 13.26 -9.70 -16.73
CA LEU B 15 14.48 -10.50 -16.66
C LEU B 15 14.78 -11.15 -15.31
N GLY B 16 13.96 -10.91 -14.31
CA GLY B 16 14.13 -11.49 -12.99
C GLY B 16 13.77 -12.96 -12.95
N GLY B 17 13.74 -13.54 -11.73
CA GLY B 17 13.46 -14.98 -11.63
C GLY B 17 12.15 -15.40 -12.24
N ILE B 18 11.04 -14.76 -11.80
CA ILE B 18 9.76 -15.07 -12.38
C ILE B 18 9.66 -14.44 -13.77
N GLY B 19 10.20 -13.25 -13.89
CA GLY B 19 10.10 -12.53 -15.18
C GLY B 19 10.67 -13.33 -16.35
N LEU B 20 11.93 -13.73 -16.22
CA LEU B 20 12.61 -14.41 -17.34
C LEU B 20 11.89 -15.70 -17.72
N ASP B 21 11.43 -16.46 -16.72
CA ASP B 21 10.67 -17.67 -17.06
C ASP B 21 9.35 -17.32 -17.73
N THR B 22 8.70 -16.23 -17.31
CA THR B 22 7.43 -15.81 -17.90
C THR B 22 7.66 -15.32 -19.32
N SER B 23 8.78 -14.66 -19.53
CA SER B 23 9.14 -14.17 -20.87
C SER B 23 9.35 -15.38 -21.80
N LYS B 24 10.04 -16.39 -21.28
CA LYS B 24 10.25 -17.60 -22.09
C LYS B 24 8.91 -18.27 -22.41
N GLU B 25 8.02 -18.29 -21.44
CA GLU B 25 6.71 -18.95 -21.62
C GLU B 25 5.88 -18.17 -22.63
N LEU B 26 5.92 -16.84 -22.56
CA LEU B 26 5.20 -15.99 -23.50
C LEU B 26 5.66 -16.22 -24.92
N LEU B 27 6.97 -16.42 -25.10
CA LEU B 27 7.54 -16.62 -26.43
C LEU B 27 7.23 -17.97 -27.05
N LYS B 28 6.49 -18.83 -26.35
CA LYS B 28 5.99 -20.05 -26.98
C LYS B 28 4.83 -19.69 -27.90
N ARG B 29 4.21 -18.54 -27.65
CA ARG B 29 3.13 -18.04 -28.48
C ARG B 29 3.72 -17.07 -29.49
N ASP B 30 3.02 -16.87 -30.60
CA ASP B 30 3.50 -15.98 -31.65
C ASP B 30 3.10 -14.54 -31.45
N LEU B 31 3.66 -13.91 -30.41
CA LEU B 31 3.49 -12.48 -30.22
C LEU B 31 4.12 -11.77 -31.41
N LYS B 32 3.79 -10.52 -31.63
CA LYS B 32 4.44 -9.71 -32.65
C LYS B 32 5.73 -9.13 -32.04
N ASN B 33 5.58 -8.52 -30.87
CA ASN B 33 6.67 -7.94 -30.13
C ASN B 33 6.56 -8.24 -28.63
N LEU B 34 7.71 -8.47 -28.05
CA LEU B 34 7.91 -8.58 -26.61
C LEU B 34 9.00 -7.55 -26.27
N VAL B 35 8.61 -6.47 -25.62
CA VAL B 35 9.52 -5.41 -25.22
C VAL B 35 9.82 -5.59 -23.73
N ILE B 36 11.08 -5.85 -23.41
CA ILE B 36 11.44 -6.06 -22.02
C ILE B 36 12.07 -4.80 -21.46
N LEU B 37 11.53 -4.30 -20.36
CA LEU B 37 12.05 -3.12 -19.69
C LEU B 37 12.60 -3.59 -18.35
N ASP B 38 13.86 -3.34 -18.03
CA ASP B 38 14.37 -3.80 -16.74
C ASP B 38 15.61 -3.01 -16.36
N ARG B 39 15.94 -2.98 -15.07
CA ARG B 39 17.15 -2.31 -14.62
C ARG B 39 18.30 -3.33 -14.67
N ILE B 40 17.97 -4.61 -14.79
CA ILE B 40 18.91 -5.69 -14.99
C ILE B 40 19.36 -5.53 -16.45
N GLU B 41 20.66 -5.48 -16.69
CA GLU B 41 21.13 -5.44 -18.07
C GLU B 41 21.89 -6.76 -18.25
N ASN B 42 21.25 -7.67 -18.96
CA ASN B 42 21.84 -8.99 -19.17
C ASN B 42 21.71 -9.35 -20.64
N PRO B 43 22.70 -8.96 -21.44
CA PRO B 43 22.70 -9.22 -22.86
C PRO B 43 22.56 -10.68 -23.21
N ALA B 44 23.10 -11.58 -22.37
CA ALA B 44 23.00 -13.01 -22.64
C ALA B 44 21.56 -13.50 -22.48
N ALA B 45 20.81 -12.99 -21.49
CA ALA B 45 19.40 -13.32 -21.38
C ALA B 45 18.62 -12.82 -22.59
N ILE B 46 18.91 -11.60 -23.05
CA ILE B 46 18.25 -11.09 -24.25
C ILE B 46 18.55 -11.99 -25.44
N ALA B 47 19.81 -12.41 -25.60
CA ALA B 47 20.13 -13.26 -26.76
C ALA B 47 19.27 -14.48 -26.71
N GLU B 48 19.05 -15.08 -25.30
CA GLU B 48 18.39 -16.37 -25.19
C GLU B 48 16.99 -16.22 -25.69
N LEU B 49 16.38 -14.92 -25.23
CA LEU B 49 14.97 -14.70 -25.51
C LEU B 49 14.70 -14.54 -27.00
N LYS B 50 15.65 -13.88 -27.67
CA LYS B 50 15.50 -13.67 -29.11
C LYS B 50 15.51 -14.99 -29.87
N ALA B 51 16.19 -16.00 -29.33
CA ALA B 51 16.33 -17.29 -29.97
C ALA B 51 15.16 -18.25 -29.81
N ILE B 52 14.24 -17.98 -28.89
CA ILE B 52 13.12 -18.91 -28.70
C ILE B 52 12.17 -18.94 -29.89
N ASN B 53 11.70 -17.79 -30.32
CA ASN B 53 10.73 -17.77 -31.41
C ASN B 53 11.10 -16.73 -32.46
N PRO B 54 11.47 -17.22 -33.66
CA PRO B 54 11.84 -16.34 -34.75
C PRO B 54 10.74 -15.41 -35.23
N LYS B 55 9.47 -15.71 -35.00
CA LYS B 55 8.37 -14.87 -35.41
C LYS B 55 8.15 -13.66 -34.51
N VAL B 56 8.77 -13.62 -33.35
CA VAL B 56 8.60 -12.52 -32.41
C VAL B 56 9.83 -11.62 -32.37
N THR B 57 9.62 -10.32 -32.35
CA THR B 57 10.71 -9.35 -32.24
C THR B 57 10.86 -9.02 -30.74
N VAL B 58 12.05 -9.29 -30.23
CA VAL B 58 12.29 -9.04 -28.80
C VAL B 58 13.19 -7.82 -28.68
N THR B 59 12.71 -6.80 -27.97
CA THR B 59 13.48 -5.59 -27.79
C THR B 59 13.67 -5.31 -26.30
N PHE B 60 14.87 -4.87 -25.93
CA PHE B 60 15.15 -4.52 -24.54
C PHE B 60 15.43 -3.02 -24.43
N TYR B 61 14.91 -2.43 -23.35
CA TYR B 61 15.22 -1.06 -22.99
C TYR B 61 15.51 -1.05 -21.47
N PRO B 62 16.61 -0.42 -21.08
CA PRO B 62 16.93 -0.23 -19.68
C PRO B 62 15.85 0.68 -19.07
N TYR B 63 15.40 0.33 -17.87
CA TYR B 63 14.32 1.11 -17.24
C TYR B 63 14.36 0.88 -15.75
N ASP B 64 14.25 1.99 -15.01
CA ASP B 64 14.19 1.95 -13.56
C ASP B 64 12.83 2.54 -13.20
N VAL B 65 11.94 1.74 -12.61
CA VAL B 65 10.58 2.21 -12.32
C VAL B 65 10.51 3.36 -11.34
N THR B 66 11.56 3.68 -10.62
CA THR B 66 11.50 4.77 -9.65
C THR B 66 11.71 6.14 -10.25
N VAL B 67 11.94 6.27 -11.54
CA VAL B 67 12.11 7.61 -12.12
C VAL B 67 10.79 8.35 -12.10
N PRO B 68 10.86 9.68 -12.21
CA PRO B 68 9.65 10.50 -12.21
C PRO B 68 8.80 10.10 -13.40
N ILE B 69 7.48 10.29 -13.35
CA ILE B 69 6.59 9.85 -14.43
C ILE B 69 6.88 10.44 -15.80
N ALA B 70 7.40 11.64 -15.87
CA ALA B 70 7.80 12.28 -17.13
C ALA B 70 8.86 11.43 -17.84
N GLU B 71 9.78 10.81 -17.10
CA GLU B 71 10.80 9.97 -17.74
C GLU B 71 10.18 8.69 -18.29
N THR B 72 9.19 8.13 -17.56
CA THR B 72 8.49 6.96 -18.08
C THR B 72 7.75 7.33 -19.35
N THR B 73 7.10 8.49 -19.34
CA THR B 73 6.39 8.95 -20.55
C THR B 73 7.34 9.06 -21.74
N LYS B 74 8.53 9.62 -21.51
CA LYS B 74 9.53 9.75 -22.57
C LYS B 74 9.87 8.39 -23.16
N LEU B 75 10.09 7.37 -22.32
CA LEU B 75 10.40 6.04 -22.82
C LEU B 75 9.22 5.37 -23.52
N LEU B 76 7.99 5.59 -23.01
CA LEU B 76 6.82 5.01 -23.65
C LEU B 76 6.63 5.64 -25.03
N LYS B 77 6.93 6.93 -25.12
CA LYS B 77 6.85 7.62 -26.41
C LYS B 77 7.74 6.89 -27.42
N THR B 78 8.98 6.63 -27.05
CA THR B 78 9.94 5.90 -27.89
C THR B 78 9.41 4.52 -28.26
N ILE B 79 8.82 3.80 -27.30
CA ILE B 79 8.30 2.46 -27.58
C ILE B 79 7.06 2.47 -28.45
N PHE B 80 6.11 3.38 -28.21
CA PHE B 80 4.93 3.53 -29.06
C PHE B 80 5.34 4.05 -30.45
N ALA B 81 6.42 4.80 -30.58
CA ALA B 81 6.87 5.21 -31.93
C ALA B 81 7.35 3.96 -32.67
N GLN B 82 8.03 3.05 -31.97
CA GLN B 82 8.54 1.81 -32.52
C GLN B 82 7.41 0.82 -32.85
N LEU B 83 6.44 0.69 -31.95
CA LEU B 83 5.42 -0.32 -32.16
C LEU B 83 4.07 0.16 -32.65
N LYS B 84 3.73 1.43 -32.46
CA LYS B 84 2.46 2.04 -32.81
C LYS B 84 1.36 1.70 -31.81
N THR B 85 1.19 0.42 -31.48
CA THR B 85 0.23 -0.05 -30.51
C THR B 85 0.91 -0.96 -29.50
N VAL B 86 0.34 -0.96 -28.29
CA VAL B 86 0.80 -1.85 -27.22
C VAL B 86 -0.46 -2.51 -26.70
N ASP B 87 -0.58 -3.83 -26.68
CA ASP B 87 -1.76 -4.50 -26.23
C ASP B 87 -1.81 -4.84 -24.74
N VAL B 88 -0.68 -5.21 -24.18
CA VAL B 88 -0.64 -5.66 -22.79
C VAL B 88 0.59 -5.06 -22.09
N LEU B 89 0.42 -4.55 -20.89
CA LEU B 89 1.53 -4.05 -20.08
C LEU B 89 1.63 -4.94 -18.85
N ILE B 90 2.78 -5.53 -18.58
CA ILE B 90 2.91 -6.36 -17.36
C ILE B 90 3.81 -5.54 -16.43
N ASN B 91 3.33 -5.16 -15.26
CA ASN B 91 4.18 -4.40 -14.34
C ASN B 91 4.72 -5.37 -13.30
N GLY B 92 5.94 -5.86 -13.44
CA GLY B 92 6.40 -6.87 -12.50
C GLY B 92 7.51 -6.49 -11.56
N ALA B 93 7.92 -5.20 -11.50
CA ALA B 93 9.07 -4.83 -10.69
C ALA B 93 8.81 -5.00 -9.19
N GLY B 94 9.82 -5.55 -8.50
CA GLY B 94 9.65 -5.69 -7.04
C GLY B 94 10.97 -5.96 -6.34
N ILE B 95 11.12 -5.36 -5.16
CA ILE B 95 12.28 -5.68 -4.31
C ILE B 95 11.72 -6.21 -3.00
N LEU B 96 12.49 -7.02 -2.30
CA LEU B 96 12.18 -7.60 -1.01
C LEU B 96 13.36 -7.30 -0.08
N ASP B 97 13.23 -6.23 0.70
CA ASP B 97 14.31 -5.79 1.57
C ASP B 97 13.74 -4.73 2.53
N ASP B 98 13.29 -5.19 3.69
CA ASP B 98 12.63 -4.27 4.63
C ASP B 98 13.59 -3.35 5.36
N HIS B 99 14.86 -3.38 4.99
CA HIS B 99 15.82 -2.40 5.44
C HIS B 99 15.72 -1.18 4.53
N GLN B 100 15.14 -1.32 3.34
CA GLN B 100 14.97 -0.22 2.41
C GLN B 100 13.51 0.24 2.35
N ILE B 101 13.04 1.01 3.32
CA ILE B 101 11.62 1.41 3.37
C ILE B 101 11.23 2.27 2.19
N GLU B 102 11.92 3.39 1.97
CA GLU B 102 11.57 4.26 0.85
C GLU B 102 11.58 3.56 -0.52
N ARG B 103 12.67 2.86 -0.77
CA ARG B 103 12.82 2.17 -2.06
C ARG B 103 11.79 1.04 -2.23
N THR B 104 11.50 0.27 -1.18
CA THR B 104 10.50 -0.79 -1.30
C THR B 104 9.17 -0.22 -1.81
N ILE B 105 8.79 0.92 -1.25
CA ILE B 105 7.53 1.56 -1.60
C ILE B 105 7.62 2.18 -2.99
N ALA B 106 8.74 2.82 -3.29
CA ALA B 106 8.94 3.45 -4.61
C ALA B 106 8.93 2.41 -5.74
N VAL B 107 9.56 1.26 -5.51
CA VAL B 107 9.57 0.24 -6.56
C VAL B 107 8.22 -0.49 -6.63
N ASN B 108 7.81 -1.07 -5.49
CA ASN B 108 6.66 -1.97 -5.52
C ASN B 108 5.30 -1.31 -5.70
N TYR B 109 5.13 -0.07 -5.24
CA TYR B 109 3.80 0.55 -5.37
C TYR B 109 3.86 1.78 -6.26
N THR B 110 4.58 2.82 -5.84
CA THR B 110 4.64 4.05 -6.63
C THR B 110 5.05 3.82 -8.07
N GLY B 111 6.11 3.03 -8.32
CA GLY B 111 6.53 2.84 -9.70
C GLY B 111 5.46 2.15 -10.53
N LEU B 112 4.82 1.15 -9.96
CA LEU B 112 3.74 0.42 -10.65
C LEU B 112 2.60 1.36 -10.99
N VAL B 113 2.20 2.20 -10.05
CA VAL B 113 1.16 3.20 -10.26
C VAL B 113 1.57 4.16 -11.36
N ASN B 114 2.82 4.62 -11.35
CA ASN B 114 3.27 5.60 -12.35
C ASN B 114 3.36 5.04 -13.75
N THR B 115 3.83 3.81 -13.91
CA THR B 115 3.90 3.22 -15.24
C THR B 115 2.48 3.03 -15.78
N THR B 116 1.57 2.60 -14.90
CA THR B 116 0.16 2.46 -15.27
C THR B 116 -0.43 3.82 -15.69
N THR B 117 -0.20 4.82 -14.86
CA THR B 117 -0.72 6.17 -15.11
C THR B 117 -0.16 6.73 -16.40
N ALA B 118 1.15 6.48 -16.61
CA ALA B 118 1.76 6.97 -17.83
C ALA B 118 1.20 6.27 -19.06
N ILE B 119 0.95 4.96 -19.05
CA ILE B 119 0.45 4.29 -20.25
C ILE B 119 -1.01 4.62 -20.51
N LEU B 120 -1.74 5.01 -19.45
CA LEU B 120 -3.13 5.43 -19.65
C LEU B 120 -3.20 6.63 -20.58
N ASP B 121 -2.18 7.49 -20.67
CA ASP B 121 -2.25 8.60 -21.59
C ASP B 121 -2.31 8.11 -23.05
N PHE B 122 -1.71 6.98 -23.36
CA PHE B 122 -1.72 6.46 -24.72
C PHE B 122 -2.96 5.63 -25.00
N TRP B 123 -3.56 5.03 -23.96
CA TRP B 123 -4.63 4.09 -24.10
C TRP B 123 -6.04 4.55 -23.74
N ASP B 124 -6.16 5.54 -22.88
CA ASP B 124 -7.46 5.97 -22.39
C ASP B 124 -8.43 6.24 -23.53
N LYS B 125 -9.58 5.56 -23.50
CA LYS B 125 -10.57 5.78 -24.56
C LYS B 125 -11.16 7.18 -24.54
N ARG B 126 -11.14 7.87 -23.39
CA ARG B 126 -11.61 9.24 -23.34
C ARG B 126 -10.71 10.18 -24.13
N LYS B 127 -9.46 9.83 -24.37
CA LYS B 127 -8.51 10.63 -25.12
C LYS B 127 -8.40 10.15 -26.57
N GLY B 128 -9.27 9.23 -26.95
CA GLY B 128 -9.30 8.66 -28.30
C GLY B 128 -8.38 7.45 -28.42
N GLY B 129 -7.91 6.92 -27.30
CA GLY B 129 -7.01 5.76 -27.33
C GLY B 129 -7.77 4.47 -27.45
N PRO B 130 -7.09 3.36 -27.72
CA PRO B 130 -7.69 2.08 -27.97
C PRO B 130 -7.97 1.16 -26.79
N GLY B 131 -7.68 1.64 -25.58
CA GLY B 131 -7.89 0.76 -24.40
C GLY B 131 -6.65 -0.13 -24.31
N GLY B 132 -6.62 -1.03 -23.32
CA GLY B 132 -5.42 -1.87 -23.17
C GLY B 132 -5.68 -2.86 -22.02
N ILE B 133 -4.71 -3.69 -21.72
CA ILE B 133 -4.80 -4.69 -20.65
C ILE B 133 -3.58 -4.49 -19.75
N ILE B 134 -3.80 -4.49 -18.43
CA ILE B 134 -2.70 -4.32 -17.47
C ILE B 134 -2.67 -5.55 -16.59
N CYS B 135 -1.51 -6.19 -16.56
CA CYS B 135 -1.32 -7.36 -15.71
C CYS B 135 -0.32 -6.97 -14.64
N ASN B 136 -0.76 -6.83 -13.39
CA ASN B 136 0.18 -6.42 -12.35
C ASN B 136 0.61 -7.61 -11.50
N ILE B 137 1.92 -7.66 -11.20
CA ILE B 137 2.36 -8.77 -10.33
C ILE B 137 2.17 -8.32 -8.89
N GLY B 138 1.23 -8.92 -8.19
CA GLY B 138 1.03 -8.57 -6.77
C GLY B 138 1.85 -9.62 -5.97
N SER B 139 1.15 -10.30 -5.09
CA SER B 139 1.76 -11.29 -4.20
C SER B 139 0.69 -11.83 -3.28
N VAL B 140 0.81 -13.05 -2.78
CA VAL B 140 -0.13 -13.52 -1.75
C VAL B 140 -0.03 -12.67 -0.50
N THR B 141 1.09 -11.99 -0.26
CA THR B 141 1.29 -11.15 0.91
C THR B 141 0.37 -9.94 0.89
N GLY B 142 -0.22 -9.61 -0.26
CA GLY B 142 -1.22 -8.54 -0.34
C GLY B 142 -2.57 -9.02 0.17
N PHE B 143 -2.71 -10.33 0.35
CA PHE B 143 -3.94 -10.85 0.94
C PHE B 143 -3.66 -10.95 2.43
N ASN B 144 -2.57 -11.66 2.78
CA ASN B 144 -2.23 -11.92 4.18
C ASN B 144 -0.70 -11.84 4.25
N ALA B 145 -0.21 -10.86 5.03
CA ALA B 145 1.23 -10.63 4.99
C ALA B 145 2.14 -11.75 5.44
N ILE B 146 3.40 -11.59 5.02
CA ILE B 146 4.53 -12.26 5.70
C ILE B 146 4.82 -11.13 6.70
N TYR B 147 4.40 -11.26 7.96
CA TYR B 147 4.49 -10.16 8.91
C TYR B 147 5.91 -9.76 9.27
N GLN B 148 6.90 -10.60 8.92
CA GLN B 148 8.29 -10.29 9.21
C GLN B 148 8.87 -9.32 8.19
N VAL B 149 8.16 -9.12 7.09
CA VAL B 149 8.45 -8.10 6.09
C VAL B 149 7.17 -7.29 5.94
N PRO B 150 6.87 -6.46 6.95
CA PRO B 150 5.64 -5.70 7.00
C PRO B 150 5.58 -4.61 5.92
N VAL B 151 6.73 -4.01 5.65
CA VAL B 151 6.67 -2.91 4.64
C VAL B 151 6.38 -3.50 3.26
N TYR B 152 7.17 -4.49 2.86
CA TYR B 152 6.91 -5.20 1.61
C TYR B 152 5.45 -5.66 1.49
N SER B 153 4.97 -6.38 2.49
CA SER B 153 3.60 -6.91 2.43
C SER B 153 2.58 -5.79 2.25
N GLY B 154 2.81 -4.65 2.93
CA GLY B 154 1.85 -3.55 2.76
C GLY B 154 1.89 -3.03 1.34
N THR B 155 3.06 -2.99 0.70
CA THR B 155 3.10 -2.51 -0.70
C THR B 155 2.30 -3.46 -1.58
N LYS B 156 2.38 -4.76 -1.34
CA LYS B 156 1.64 -5.72 -2.13
C LYS B 156 0.15 -5.62 -1.84
N ALA B 157 -0.31 -5.30 -0.64
CA ALA B 157 -1.72 -5.07 -0.34
C ALA B 157 -2.19 -3.89 -1.19
N ALA B 158 -1.36 -2.85 -1.29
CA ALA B 158 -1.67 -1.68 -2.11
C ALA B 158 -1.82 -2.05 -3.58
N VAL B 159 -0.92 -2.86 -4.13
CA VAL B 159 -1.02 -3.29 -5.53
C VAL B 159 -2.32 -4.08 -5.76
N VAL B 160 -2.67 -4.99 -4.86
CA VAL B 160 -3.93 -5.75 -5.06
C VAL B 160 -5.15 -4.84 -5.11
N ASN B 161 -5.22 -3.93 -4.14
CA ASN B 161 -6.37 -3.02 -4.02
C ASN B 161 -6.43 -2.07 -5.21
N PHE B 162 -5.31 -1.47 -5.58
CA PHE B 162 -5.20 -0.56 -6.71
C PHE B 162 -5.62 -1.26 -8.01
N THR B 163 -5.16 -2.49 -8.22
CA THR B 163 -5.48 -3.21 -9.45
C THR B 163 -6.96 -3.53 -9.49
N SER B 164 -7.52 -3.94 -8.36
CA SER B 164 -8.97 -4.20 -8.33
C SER B 164 -9.70 -2.93 -8.71
N SER B 165 -9.23 -1.76 -8.24
CA SER B 165 -9.89 -0.50 -8.63
C SER B 165 -9.71 -0.20 -10.11
N LEU B 166 -8.53 -0.46 -10.68
CA LEU B 166 -8.34 -0.22 -12.11
C LEU B 166 -9.39 -0.99 -12.90
N ALA B 167 -9.64 -2.25 -12.51
CA ALA B 167 -10.61 -3.10 -13.19
C ALA B 167 -12.02 -2.54 -13.15
N LYS B 168 -12.38 -1.90 -12.03
CA LYS B 168 -13.68 -1.29 -11.87
C LYS B 168 -13.78 -0.03 -12.72
N LEU B 169 -12.67 0.56 -13.12
CA LEU B 169 -12.62 1.74 -13.94
C LEU B 169 -12.56 1.44 -15.45
N ALA B 170 -12.53 0.15 -15.78
CA ALA B 170 -12.51 -0.26 -17.19
C ALA B 170 -13.59 0.36 -18.06
N PRO B 171 -14.84 0.43 -17.61
CA PRO B 171 -15.88 1.05 -18.41
C PRO B 171 -15.57 2.50 -18.77
N ILE B 172 -14.86 3.23 -17.91
CA ILE B 172 -14.51 4.61 -18.16
C ILE B 172 -13.28 4.76 -19.04
N THR B 173 -12.24 4.01 -18.74
CA THR B 173 -10.96 4.17 -19.42
C THR B 173 -10.73 3.29 -20.64
N GLY B 174 -11.41 2.15 -20.65
CA GLY B 174 -11.21 1.16 -21.69
C GLY B 174 -10.05 0.23 -21.36
N VAL B 175 -9.45 0.36 -20.17
CA VAL B 175 -8.29 -0.46 -19.82
C VAL B 175 -8.68 -1.45 -18.73
N THR B 176 -8.55 -2.72 -19.04
CA THR B 176 -8.86 -3.77 -18.08
C THR B 176 -7.60 -4.10 -17.30
N ALA B 177 -7.78 -4.79 -16.18
CA ALA B 177 -6.61 -5.08 -15.34
C ALA B 177 -6.91 -6.23 -14.41
N TYR B 178 -5.85 -6.89 -13.97
CA TYR B 178 -5.94 -8.00 -13.02
C TYR B 178 -4.58 -8.19 -12.37
N THR B 179 -4.56 -8.88 -11.22
CA THR B 179 -3.30 -9.20 -10.59
C THR B 179 -3.01 -10.70 -10.76
N VAL B 180 -1.73 -11.02 -10.89
CA VAL B 180 -1.24 -12.37 -10.77
C VAL B 180 -0.45 -12.33 -9.45
N ASN B 181 -0.87 -13.13 -8.48
CA ASN B 181 -0.28 -13.09 -7.14
C ASN B 181 0.35 -14.42 -6.80
N PRO B 182 1.66 -14.50 -7.03
CA PRO B 182 2.37 -15.71 -6.71
C PRO B 182 2.40 -15.99 -5.21
N GLY B 183 2.46 -17.27 -4.88
CA GLY B 183 2.76 -17.77 -3.54
C GLY B 183 4.32 -17.80 -3.55
N ILE B 184 4.92 -18.38 -2.52
CA ILE B 184 6.38 -18.40 -2.44
C ILE B 184 6.97 -19.18 -3.61
N THR B 185 7.83 -18.47 -4.35
CA THR B 185 8.41 -18.95 -5.60
C THR B 185 9.92 -18.94 -5.52
N ARG B 186 10.56 -20.07 -5.90
CA ARG B 186 12.01 -20.18 -5.73
C ARG B 186 12.83 -19.37 -6.71
N THR B 187 13.18 -18.15 -6.29
CA THR B 187 14.00 -17.22 -7.03
C THR B 187 15.03 -16.61 -6.05
N THR B 188 15.86 -15.72 -6.57
CA THR B 188 16.84 -15.09 -5.66
C THR B 188 16.20 -14.10 -4.70
N LEU B 189 14.98 -13.66 -5.01
CA LEU B 189 14.26 -12.73 -4.15
C LEU B 189 14.16 -13.26 -2.71
N VAL B 190 13.82 -14.52 -2.55
CA VAL B 190 13.56 -15.13 -1.26
C VAL B 190 14.68 -15.99 -0.74
N HIS B 191 15.79 -16.10 -1.47
CA HIS B 191 16.92 -16.91 -1.00
C HIS B 191 17.56 -16.28 0.24
N LYS B 192 17.66 -14.95 0.22
CA LYS B 192 18.27 -14.23 1.33
C LYS B 192 17.63 -12.84 1.40
N PHE B 193 17.06 -12.49 2.54
CA PHE B 193 16.47 -11.13 2.54
C PHE B 193 16.36 -10.58 3.95
N ASN B 194 16.16 -9.26 4.01
CA ASN B 194 16.13 -8.54 5.27
C ASN B 194 14.73 -8.27 5.81
N SER B 195 14.51 -8.71 7.05
CA SER B 195 13.26 -8.43 7.75
C SER B 195 13.32 -7.03 8.32
N TRP B 196 12.16 -6.44 8.56
CA TRP B 196 12.08 -5.08 9.11
C TRP B 196 12.71 -5.04 10.49
N LEU B 197 13.64 -4.09 10.71
CA LEU B 197 14.36 -3.98 11.98
C LEU B 197 14.92 -5.31 12.46
N ASP B 198 15.29 -6.20 11.55
CA ASP B 198 15.78 -7.52 11.86
C ASP B 198 14.95 -8.25 12.90
N VAL B 199 13.61 -8.15 12.84
CA VAL B 199 12.74 -8.90 13.74
C VAL B 199 12.93 -10.41 13.57
N GLU B 200 13.27 -10.86 12.38
CA GLU B 200 13.49 -12.29 12.11
C GLU B 200 14.68 -12.48 11.18
N PRO B 201 15.89 -12.59 11.73
CA PRO B 201 17.13 -12.74 11.01
C PRO B 201 17.19 -14.01 10.17
N GLN B 202 16.37 -15.00 10.52
CA GLN B 202 16.33 -16.24 9.75
C GLN B 202 15.06 -16.38 8.92
N VAL B 203 14.49 -15.23 8.52
CA VAL B 203 13.25 -15.22 7.75
C VAL B 203 13.31 -16.03 6.46
N ALA B 204 14.38 -15.90 5.69
CA ALA B 204 14.49 -16.66 4.43
C ALA B 204 14.53 -18.16 4.68
N GLU B 205 15.38 -18.57 5.62
CA GLU B 205 15.50 -19.99 5.95
C GLU B 205 14.17 -20.58 6.43
N LYS B 206 13.53 -19.88 7.35
CA LYS B 206 12.25 -20.31 7.90
C LYS B 206 11.19 -20.40 6.82
N LEU B 207 11.08 -19.39 5.95
CA LEU B 207 10.12 -19.38 4.88
C LEU B 207 10.34 -20.51 3.87
N LEU B 208 11.62 -20.74 3.51
CA LEU B 208 11.91 -21.78 2.52
C LEU B 208 11.84 -23.19 3.06
N ALA B 209 11.59 -23.38 4.35
CA ALA B 209 11.39 -24.70 4.93
C ALA B 209 9.97 -25.19 4.69
N HIS B 210 9.08 -24.30 4.27
CA HIS B 210 7.70 -24.61 3.94
C HIS B 210 7.58 -24.75 2.42
N PRO B 211 6.45 -25.27 1.96
CA PRO B 211 6.22 -25.51 0.55
C PRO B 211 6.37 -24.27 -0.31
N THR B 212 6.99 -24.48 -1.47
CA THR B 212 7.18 -23.41 -2.43
C THR B 212 6.93 -23.97 -3.82
N GLN B 213 6.96 -23.15 -4.85
CA GLN B 213 6.87 -23.65 -6.23
C GLN B 213 8.07 -23.12 -7.00
N PRO B 214 8.47 -23.78 -8.08
CA PRO B 214 9.55 -23.30 -8.91
C PRO B 214 9.06 -22.12 -9.76
N SER B 215 9.95 -21.29 -10.24
CA SER B 215 9.57 -20.17 -11.11
C SER B 215 8.99 -20.67 -12.43
N LEU B 216 9.39 -21.85 -12.95
CA LEU B 216 8.85 -22.36 -14.19
C LEU B 216 7.35 -22.64 -14.11
N ALA B 217 6.91 -23.24 -13.01
CA ALA B 217 5.50 -23.52 -12.78
C ALA B 217 4.71 -22.21 -12.60
N CYS B 218 5.29 -21.25 -11.89
CA CYS B 218 4.63 -19.96 -11.72
C CYS B 218 4.45 -19.30 -13.09
N ALA B 219 5.49 -19.35 -13.93
CA ALA B 219 5.44 -18.76 -15.27
C ALA B 219 4.38 -19.41 -16.15
N GLU B 220 4.25 -20.74 -16.06
CA GLU B 220 3.24 -21.44 -16.83
C GLU B 220 1.84 -20.94 -16.48
N ASN B 221 1.60 -20.79 -15.18
CA ASN B 221 0.28 -20.29 -14.74
C ASN B 221 0.10 -18.81 -14.95
N PHE B 222 1.19 -18.05 -14.94
CA PHE B 222 1.12 -16.61 -15.23
C PHE B 222 0.61 -16.39 -16.64
N VAL B 223 1.13 -17.15 -17.64
CA VAL B 223 0.69 -16.95 -19.02
C VAL B 223 -0.72 -17.52 -19.20
N LYS B 224 -1.02 -18.61 -18.51
CA LYS B 224 -2.40 -19.14 -18.56
C LYS B 224 -3.36 -18.07 -18.03
N ALA B 225 -2.99 -17.36 -16.95
CA ALA B 225 -3.89 -16.31 -16.44
C ALA B 225 -4.05 -15.19 -17.46
N ILE B 226 -2.97 -14.76 -18.12
CA ILE B 226 -3.02 -13.72 -19.15
C ILE B 226 -3.98 -14.16 -20.27
N GLU B 227 -3.85 -15.41 -20.70
CA GLU B 227 -4.71 -15.94 -21.76
C GLU B 227 -6.16 -16.01 -21.36
N LEU B 228 -6.47 -16.23 -20.07
CA LEU B 228 -7.86 -16.21 -19.61
C LEU B 228 -8.43 -14.80 -19.67
N ASN B 229 -7.57 -13.80 -19.58
CA ASN B 229 -7.93 -12.40 -19.76
C ASN B 229 -9.21 -11.98 -19.06
N GLN B 230 -9.20 -12.13 -17.72
CA GLN B 230 -10.36 -11.85 -16.90
C GLN B 230 -10.21 -10.55 -16.10
N ASN B 231 -10.94 -9.54 -16.54
CA ASN B 231 -10.86 -8.25 -15.85
C ASN B 231 -11.30 -8.41 -14.40
N GLY B 232 -10.50 -7.78 -13.51
CA GLY B 232 -10.83 -7.87 -12.09
C GLY B 232 -10.40 -9.13 -11.40
N ALA B 233 -9.77 -10.08 -12.11
CA ALA B 233 -9.34 -11.29 -11.44
C ALA B 233 -8.27 -10.95 -10.41
N ILE B 234 -8.30 -11.71 -9.33
CA ILE B 234 -7.30 -11.69 -8.29
C ILE B 234 -6.73 -13.13 -8.29
N TRP B 235 -5.81 -13.34 -9.23
CA TRP B 235 -5.29 -14.69 -9.40
C TRP B 235 -4.27 -15.07 -8.35
N LYS B 236 -4.42 -16.31 -7.85
CA LYS B 236 -3.41 -16.80 -6.89
C LYS B 236 -2.60 -17.91 -7.58
N LEU B 237 -1.29 -17.75 -7.66
CA LEU B 237 -0.41 -18.72 -8.33
C LEU B 237 0.47 -19.35 -7.25
N ASP B 238 -0.07 -20.35 -6.60
CA ASP B 238 0.61 -20.93 -5.44
C ASP B 238 0.72 -22.44 -5.53
N LEU B 239 1.88 -22.99 -5.18
CA LEU B 239 2.10 -24.43 -5.18
C LEU B 239 1.79 -25.07 -6.51
N GLY B 240 2.10 -24.35 -7.61
CA GLY B 240 1.97 -24.86 -8.95
C GLY B 240 0.57 -24.83 -9.53
N THR B 241 -0.40 -24.21 -8.86
CA THR B 241 -1.74 -24.17 -9.40
C THR B 241 -2.17 -22.73 -9.73
N LEU B 242 -3.25 -22.64 -10.49
CA LEU B 242 -3.87 -21.35 -10.82
C LEU B 242 -5.25 -21.29 -10.19
N GLU B 243 -5.45 -20.40 -9.22
CA GLU B 243 -6.74 -20.24 -8.54
C GLU B 243 -7.08 -18.74 -8.50
N ALA B 244 -8.26 -18.43 -7.97
CA ALA B 244 -8.62 -17.00 -7.93
C ALA B 244 -9.31 -16.70 -6.60
N ILE B 245 -9.00 -15.52 -6.06
CA ILE B 245 -9.55 -15.08 -4.79
C ILE B 245 -10.90 -14.38 -4.90
N GLN B 246 -11.77 -14.72 -3.97
CA GLN B 246 -13.07 -14.06 -3.82
C GLN B 246 -12.85 -13.03 -2.70
N TRP B 247 -12.71 -11.76 -3.07
CA TRP B 247 -12.34 -10.74 -2.08
C TRP B 247 -13.49 -10.44 -1.13
N THR B 248 -13.24 -10.39 0.18
CA THR B 248 -14.37 -10.21 1.11
C THR B 248 -14.99 -8.83 1.01
N LYS B 249 -16.33 -8.81 1.01
CA LYS B 249 -17.09 -7.57 0.96
C LYS B 249 -17.28 -6.98 2.35
N HIS B 250 -16.31 -6.22 2.85
CA HIS B 250 -16.43 -5.65 4.19
C HIS B 250 -17.16 -4.31 4.19
N TRP B 251 -17.04 -3.59 3.07
CA TRP B 251 -17.62 -2.26 3.00
C TRP B 251 -17.86 -1.89 1.55
N ASP B 252 -18.83 -1.01 1.31
CA ASP B 252 -19.13 -0.56 -0.02
C ASP B 252 -19.50 0.92 -0.01
N SER B 253 -18.85 1.68 -0.90
CA SER B 253 -19.10 3.11 -0.98
C SER B 253 -20.49 3.43 -1.50
N GLY B 254 -21.09 2.54 -2.26
CA GLY B 254 -22.39 2.83 -2.86
C GLY B 254 -22.22 3.48 -4.23
N ILE B 255 -21.00 3.85 -4.62
CA ILE B 255 -20.73 4.46 -5.91
C ILE B 255 -19.79 3.60 -6.76
#